data_2NO7
#
_entry.id   2NO7
#
_cell.length_a   52.800
_cell.length_b   133.350
_cell.length_c   156.040
_cell.angle_alpha   90.00
_cell.angle_beta   90.00
_cell.angle_gamma   90.00
#
_symmetry.space_group_name_H-M   'C 2 2 21'
#
loop_
_entity.id
_entity.type
_entity.pdbx_description
1 polymer 'deoxycytidine kinase'
2 non-polymer "ADENOSINE-5'-DIPHOSPHATE"
3 non-polymer 4-AMINO-1-(2-DEOXY-BETA-L-ERYTHRO-PENTOFURANOSYL)PYRIMIDIN-2(1H)-ONE
4 water water
#
_entity_poly.entity_id   1
_entity_poly.type   'polypeptide(L)'
_entity_poly.pdbx_seq_one_letter_code
;MGSSHHHHHHSSGLVPRGSHMATPPKRSSPSFSASSEGTRIKKISIEGNIAAGKSTFVNILKQLSEDWEVVPEPVARWSN
VQSTQDEFEELTMSQKNGGNVLQMMYEKPERWSFTFQTYACLSRIRAQLASLNGKLKDAEKPVLFFERSVYSDRYIFASN
LYESESMNETEWTIYQDWHDWMNNQFGQSLELDGIIYLQATPETCLHRIYLRGRNEEQGIPLEYLEKLHYKHESWLLHRT
LKTNFDYLQEVPILTLDVNEDFKDKYESLVEKVKEFLSTL
;
_entity_poly.pdbx_strand_id   A,B
#
loop_
_chem_comp.id
_chem_comp.type
_chem_comp.name
_chem_comp.formula
ADP non-polymer ADENOSINE-5'-DIPHOSPHATE 'C10 H15 N5 O10 P2'
LDC non-polymer 4-AMINO-1-(2-DEOXY-BETA-L-ERYTHRO-PENTOFURANOSYL)PYRIMIDIN-2(1H)-ONE 'C9 H13 N3 O4'
#
# COMPACT_ATOMS: atom_id res chain seq x y z
N THR A 39 -18.32 0.15 15.52
CA THR A 39 -17.72 -0.10 16.86
C THR A 39 -18.48 -1.18 17.70
N ARG A 40 -19.66 -1.59 17.23
CA ARG A 40 -20.45 -2.64 17.93
C ARG A 40 -19.82 -4.04 17.91
N ILE A 41 -19.14 -4.34 16.81
CA ILE A 41 -18.57 -5.67 16.56
C ILE A 41 -17.32 -5.83 17.39
N LYS A 42 -17.23 -6.91 18.17
CA LYS A 42 -15.98 -7.24 18.90
C LYS A 42 -14.99 -7.81 17.92
N LYS A 43 -13.74 -7.36 17.99
CA LYS A 43 -12.74 -7.79 17.03
C LYS A 43 -11.67 -8.59 17.75
N ILE A 44 -11.52 -9.86 17.37
CA ILE A 44 -10.60 -10.73 18.05
C ILE A 44 -9.60 -11.30 17.05
N SER A 45 -8.31 -11.17 17.32
CA SER A 45 -7.36 -11.70 16.35
C SER A 45 -6.86 -13.06 16.86
N ILE A 46 -6.78 -14.01 15.95
CA ILE A 46 -6.19 -15.33 16.24
C ILE A 46 -4.73 -15.31 15.72
N GLU A 47 -3.75 -15.59 16.59
CA GLU A 47 -2.32 -15.43 16.25
C GLU A 47 -1.61 -16.72 16.55
N GLY A 48 -0.53 -16.97 15.83
CA GLY A 48 0.25 -18.18 16.06
C GLY A 48 1.08 -18.42 14.84
N ASN A 49 2.03 -19.35 14.98
CA ASN A 49 3.04 -19.55 13.94
C ASN A 49 2.42 -20.23 12.70
N ILE A 50 3.21 -20.39 11.65
CA ILE A 50 2.75 -21.00 10.41
C ILE A 50 2.32 -22.47 10.71
N ALA A 51 1.09 -22.86 10.36
CA ALA A 51 0.56 -24.25 10.55
C ALA A 51 0.30 -24.70 12.01
N ALA A 52 0.17 -23.72 12.92
CA ALA A 52 -0.16 -23.94 14.34
C ALA A 52 -1.56 -24.56 14.42
N GLY A 53 -2.41 -24.16 13.48
CA GLY A 53 -3.80 -24.62 13.37
C GLY A 53 -4.88 -23.57 13.53
N LYS A 54 -4.57 -22.31 13.17
CA LYS A 54 -5.51 -21.19 13.37
C LYS A 54 -6.76 -21.34 12.53
N SER A 55 -6.58 -21.65 11.23
CA SER A 55 -7.68 -21.83 10.31
C SER A 55 -8.65 -22.91 10.78
N THR A 56 -8.06 -24.04 11.11
CA THR A 56 -8.77 -25.24 11.53
C THR A 56 -9.61 -24.93 12.75
N PHE A 57 -8.94 -24.45 13.80
CA PHE A 57 -9.61 -24.08 15.03
C PHE A 57 -10.73 -23.08 14.85
N VAL A 58 -10.45 -21.91 14.25
CA VAL A 58 -11.47 -20.84 14.26
C VAL A 58 -12.65 -21.12 13.36
N ASN A 59 -12.42 -21.83 12.26
CA ASN A 59 -13.50 -22.23 11.37
C ASN A 59 -14.44 -23.31 11.93
N ILE A 60 -13.95 -24.05 12.91
CA ILE A 60 -14.77 -25.00 13.62
C ILE A 60 -15.42 -24.23 14.79
N LEU A 61 -14.62 -23.42 15.46
CA LEU A 61 -15.11 -22.55 16.54
C LEU A 61 -16.31 -21.65 16.18
N LYS A 62 -16.28 -21.02 14.99
CA LYS A 62 -17.30 -20.04 14.59
C LYS A 62 -18.72 -20.66 14.44
N GLN A 63 -18.78 -21.96 14.16
CA GLN A 63 -20.06 -22.70 14.04
C GLN A 63 -20.86 -22.70 15.34
N LEU A 64 -20.23 -22.36 16.46
CA LEU A 64 -20.92 -22.41 17.75
C LEU A 64 -21.92 -21.30 17.93
N SER A 65 -21.76 -20.22 17.17
CA SER A 65 -22.65 -19.07 17.34
C SER A 65 -22.89 -18.35 16.02
N GLU A 66 -24.16 -18.07 15.75
CA GLU A 66 -24.53 -17.36 14.52
C GLU A 66 -23.99 -15.92 14.56
N ASP A 67 -23.71 -15.45 15.77
CA ASP A 67 -23.11 -14.12 16.00
C ASP A 67 -21.59 -14.12 15.75
N TRP A 68 -21.02 -15.27 15.35
CA TRP A 68 -19.56 -15.43 15.18
C TRP A 68 -19.15 -15.62 13.70
N GLU A 69 -18.26 -14.77 13.23
CA GLU A 69 -17.71 -14.89 11.89
C GLU A 69 -16.22 -14.67 11.89
N VAL A 70 -15.61 -15.01 10.76
CA VAL A 70 -14.13 -15.11 10.63
C VAL A 70 -13.73 -14.40 9.38
N VAL A 71 -12.61 -13.68 9.43
CA VAL A 71 -11.97 -13.15 8.25
C VAL A 71 -10.69 -13.97 8.01
N PRO A 72 -10.70 -14.83 6.99
CA PRO A 72 -9.52 -15.64 6.77
C PRO A 72 -8.35 -14.82 6.32
N GLU A 73 -7.15 -15.39 6.41
CA GLU A 73 -5.99 -14.68 5.90
C GLU A 73 -5.95 -14.80 4.36
N PRO A 74 -5.60 -13.72 3.60
CA PRO A 74 -5.65 -13.88 2.12
C PRO A 74 -4.51 -14.64 1.45
N VAL A 75 -4.16 -15.82 1.98
CA VAL A 75 -3.04 -16.60 1.45
C VAL A 75 -3.20 -16.93 -0.07
N ALA A 76 -4.43 -17.32 -0.48
CA ALA A 76 -4.67 -17.64 -1.89
C ALA A 76 -4.39 -16.44 -2.83
N ARG A 77 -4.61 -15.22 -2.35
CA ARG A 77 -4.37 -14.01 -3.12
C ARG A 77 -2.85 -13.81 -3.31
N TRP A 78 -2.06 -14.43 -2.44
CA TRP A 78 -0.60 -14.30 -2.52
C TRP A 78 0.07 -15.32 -3.41
N SER A 79 -0.57 -16.50 -3.55
CA SER A 79 -0.11 -17.58 -4.37
C SER A 79 -0.55 -17.41 -5.82
N ASN A 80 -1.53 -16.56 -6.04
CA ASN A 80 -2.05 -16.30 -7.34
C ASN A 80 -2.41 -14.80 -7.43
N VAL A 81 -1.44 -13.99 -7.86
CA VAL A 81 -1.61 -12.54 -7.72
C VAL A 81 -2.45 -11.99 -8.86
N GLN A 82 -3.56 -11.27 -8.54
CA GLN A 82 -4.52 -10.78 -9.54
C GLN A 82 -5.04 -9.41 -9.12
N SER A 83 -5.26 -8.54 -10.10
CA SER A 83 -5.95 -7.31 -9.83
C SER A 83 -7.20 -7.30 -10.70
N THR A 84 -8.05 -6.32 -10.42
CA THR A 84 -9.39 -6.26 -10.94
C THR A 84 -9.37 -6.07 -12.44
N GLN A 85 -10.30 -6.75 -13.11
CA GLN A 85 -10.48 -6.58 -14.55
C GLN A 85 -11.42 -5.42 -14.87
N ASP A 86 -11.22 -4.83 -16.03
CA ASP A 86 -12.09 -3.83 -16.61
C ASP A 86 -13.49 -4.47 -16.79
N GLU A 87 -14.56 -3.68 -16.65
CA GLU A 87 -15.94 -4.23 -16.73
C GLU A 87 -16.36 -4.85 -18.10
N PHE A 88 -15.71 -4.46 -19.18
CA PHE A 88 -16.00 -5.03 -20.51
C PHE A 88 -15.00 -6.13 -20.77
N GLU A 89 -13.74 -5.88 -20.43
CA GLU A 89 -12.73 -6.89 -20.64
C GLU A 89 -13.09 -8.20 -19.94
N GLU A 90 -13.71 -8.14 -18.76
CA GLU A 90 -14.00 -9.41 -18.03
C GLU A 90 -15.06 -10.28 -18.76
N LEU A 91 -15.84 -9.68 -19.63
CA LEU A 91 -16.89 -10.43 -20.36
C LEU A 91 -16.31 -11.36 -21.43
N THR A 92 -15.08 -11.09 -21.88
CA THR A 92 -14.46 -11.88 -22.97
C THR A 92 -13.07 -12.47 -22.62
N MET A 93 -12.46 -11.99 -21.54
CA MET A 93 -11.16 -12.48 -21.11
C MET A 93 -11.30 -13.05 -19.69
N SER A 94 -10.73 -14.23 -19.51
CA SER A 94 -10.75 -14.92 -18.23
C SER A 94 -9.82 -14.18 -17.28
N GLN A 95 -10.04 -14.38 -15.98
CA GLN A 95 -9.13 -13.85 -14.97
C GLN A 95 -8.06 -14.90 -14.84
N LYS A 96 -6.90 -14.65 -15.45
CA LYS A 96 -5.86 -15.69 -15.47
C LYS A 96 -5.08 -15.82 -14.16
N ASN A 97 -4.42 -16.96 -14.00
CA ASN A 97 -3.56 -17.10 -12.82
C ASN A 97 -2.32 -16.20 -13.00
N GLY A 98 -2.03 -15.39 -11.98
CA GLY A 98 -0.90 -14.48 -12.03
C GLY A 98 0.33 -15.06 -11.33
N GLY A 99 1.26 -14.20 -10.98
CA GLY A 99 2.47 -14.60 -10.28
C GLY A 99 2.14 -15.16 -8.90
N ASN A 100 3.14 -15.79 -8.30
CA ASN A 100 3.07 -16.36 -6.98
C ASN A 100 4.12 -15.62 -6.17
N VAL A 101 3.70 -14.54 -5.53
CA VAL A 101 4.63 -13.75 -4.74
C VAL A 101 5.04 -14.46 -3.45
N LEU A 102 4.15 -15.32 -2.95
CA LEU A 102 4.48 -16.21 -1.82
C LEU A 102 5.73 -17.05 -2.14
N GLN A 103 5.69 -17.78 -3.25
CA GLN A 103 6.83 -18.53 -3.75
C GLN A 103 8.05 -17.67 -3.93
N MET A 104 7.88 -16.48 -4.54
CA MET A 104 9.01 -15.57 -4.76
C MET A 104 9.72 -15.14 -3.49
N MET A 105 8.92 -14.83 -2.47
CA MET A 105 9.46 -14.51 -1.17
C MET A 105 10.28 -15.68 -0.57
N TYR A 106 9.77 -16.88 -0.66
CA TYR A 106 10.51 -18.02 -0.07
C TYR A 106 11.76 -18.40 -0.87
N GLU A 107 11.71 -18.23 -2.18
CA GLU A 107 12.86 -18.55 -3.04
C GLU A 107 13.97 -17.52 -2.95
N LYS A 108 13.61 -16.25 -2.79
CA LYS A 108 14.61 -15.20 -2.79
C LYS A 108 14.16 -14.08 -1.88
N PRO A 109 14.21 -14.35 -0.57
CA PRO A 109 13.74 -13.42 0.44
C PRO A 109 14.38 -12.02 0.38
N GLU A 110 15.67 -11.94 0.07
CA GLU A 110 16.42 -10.67 0.03
C GLU A 110 15.94 -9.76 -1.10
N ARG A 111 15.38 -10.34 -2.17
CA ARG A 111 14.80 -9.58 -3.29
C ARG A 111 13.30 -9.26 -3.09
N TRP A 112 12.55 -10.25 -2.60
CA TRP A 112 11.06 -10.22 -2.62
C TRP A 112 10.35 -9.92 -1.30
N SER A 113 11.07 -9.91 -0.17
CA SER A 113 10.45 -9.65 1.15
C SER A 113 9.60 -8.38 1.24
N PHE A 114 10.17 -7.26 0.81
CA PHE A 114 9.51 -5.99 0.92
C PHE A 114 8.20 -6.04 0.11
N THR A 115 8.30 -6.56 -1.12
CA THR A 115 7.18 -6.64 -2.06
C THR A 115 6.06 -7.50 -1.43
N PHE A 116 6.44 -8.68 -0.96
CA PHE A 116 5.53 -9.57 -0.32
C PHE A 116 4.86 -8.96 0.92
N GLN A 117 5.65 -8.39 1.84
CA GLN A 117 5.04 -7.94 3.08
C GLN A 117 4.06 -6.79 2.85
N THR A 118 4.42 -5.92 1.93
CA THR A 118 3.57 -4.79 1.53
C THR A 118 2.22 -5.28 1.05
N TYR A 119 2.24 -6.27 0.15
CA TYR A 119 1.00 -6.79 -0.43
C TYR A 119 0.26 -7.67 0.58
N ALA A 120 0.98 -8.38 1.45
CA ALA A 120 0.28 -9.20 2.48
C ALA A 120 -0.57 -8.28 3.34
N CYS A 121 -0.01 -7.15 3.72
CA CYS A 121 -0.69 -6.22 4.64
C CYS A 121 -1.83 -5.48 3.95
N LEU A 122 -1.55 -4.96 2.77
CA LEU A 122 -2.61 -4.42 1.90
C LEU A 122 -3.81 -5.38 1.78
N SER A 123 -3.55 -6.62 1.34
CA SER A 123 -4.64 -7.59 1.17
C SER A 123 -5.42 -7.88 2.44
N ARG A 124 -4.74 -7.94 3.58
CA ARG A 124 -5.40 -8.12 4.85
C ARG A 124 -6.31 -6.95 5.23
N ILE A 125 -5.77 -5.74 5.15
CA ILE A 125 -6.55 -4.58 5.57
C ILE A 125 -7.84 -4.54 4.73
N ARG A 126 -7.68 -4.77 3.43
CA ARG A 126 -8.82 -4.83 2.54
C ARG A 126 -9.86 -5.84 2.98
N ALA A 127 -9.45 -7.07 3.23
CA ALA A 127 -10.42 -8.11 3.67
C ALA A 127 -11.09 -7.73 5.02
N GLN A 128 -10.27 -7.29 5.96
CA GLN A 128 -10.79 -7.00 7.29
C GLN A 128 -11.76 -5.80 7.27
N LEU A 129 -11.39 -4.75 6.55
CA LEU A 129 -12.29 -3.58 6.49
C LEU A 129 -13.61 -3.91 5.78
N ALA A 130 -13.57 -4.69 4.71
CA ALA A 130 -14.84 -5.07 4.08
C ALA A 130 -15.73 -5.95 4.97
N SER A 131 -15.15 -6.86 5.75
CA SER A 131 -15.98 -7.73 6.56
C SER A 131 -16.57 -7.00 7.76
N LEU A 132 -15.84 -6.03 8.27
CA LEU A 132 -16.34 -5.17 9.34
C LEU A 132 -17.52 -4.37 8.86
N ASN A 133 -17.43 -3.87 7.64
CA ASN A 133 -18.50 -3.07 7.08
C ASN A 133 -19.73 -3.90 6.68
N GLY A 134 -19.57 -5.20 6.46
CA GLY A 134 -20.63 -5.99 5.82
C GLY A 134 -21.16 -7.24 6.51
N LYS A 135 -20.57 -7.66 7.62
CA LYS A 135 -21.05 -8.85 8.34
C LYS A 135 -21.82 -8.50 9.63
N LEU A 136 -22.52 -9.50 10.17
CA LEU A 136 -23.08 -9.45 11.52
C LEU A 136 -23.91 -8.18 11.85
N LYS A 137 -24.64 -7.68 10.84
CA LYS A 137 -25.35 -6.37 10.97
C LYS A 137 -26.24 -6.35 12.20
N ASP A 138 -27.18 -7.27 12.22
CA ASP A 138 -27.87 -7.66 13.41
C ASP A 138 -27.21 -8.96 13.84
N ALA A 139 -26.78 -8.96 15.09
CA ALA A 139 -26.37 -10.12 15.82
C ALA A 139 -26.55 -9.56 17.23
N GLU A 140 -26.90 -10.39 18.20
CA GLU A 140 -27.00 -9.88 19.55
C GLU A 140 -25.61 -9.48 20.06
N LYS A 141 -24.69 -10.45 20.06
CA LYS A 141 -23.36 -10.23 20.59
C LYS A 141 -22.31 -10.61 19.53
N PRO A 142 -22.14 -9.75 18.51
CA PRO A 142 -21.36 -10.05 17.35
C PRO A 142 -19.85 -10.06 17.65
N VAL A 143 -19.18 -11.10 17.13
CA VAL A 143 -17.73 -11.26 17.26
C VAL A 143 -17.16 -11.56 15.87
N LEU A 144 -16.14 -10.83 15.46
CA LEU A 144 -15.47 -11.06 14.20
C LEU A 144 -14.06 -11.49 14.58
N PHE A 145 -13.73 -12.71 14.16
CA PHE A 145 -12.42 -13.26 14.42
C PHE A 145 -11.56 -13.01 13.18
N PHE A 146 -10.37 -12.47 13.39
CA PHE A 146 -9.48 -12.17 12.28
C PHE A 146 -8.39 -13.24 12.32
N GLU A 147 -8.10 -13.91 11.21
CA GLU A 147 -6.93 -14.81 11.20
C GLU A 147 -5.67 -13.93 11.02
N ARG A 148 -4.93 -13.70 12.12
CA ARG A 148 -3.84 -12.76 12.20
C ARG A 148 -4.29 -11.33 12.03
N SER A 149 -3.33 -10.43 12.17
CA SER A 149 -3.58 -9.02 12.23
C SER A 149 -2.48 -8.23 11.58
N VAL A 150 -2.75 -6.94 11.39
CA VAL A 150 -1.74 -6.06 10.81
C VAL A 150 -0.51 -5.97 11.75
N TYR A 151 -0.75 -6.22 13.04
CA TYR A 151 0.35 -6.14 13.99
C TYR A 151 1.30 -7.31 13.85
N SER A 152 0.77 -8.50 13.64
CA SER A 152 1.70 -9.58 13.41
C SER A 152 2.38 -9.42 12.07
N ASP A 153 1.70 -8.80 11.11
CA ASP A 153 2.34 -8.59 9.82
C ASP A 153 3.63 -7.80 10.03
N ARG A 154 3.52 -6.74 10.82
CA ARG A 154 4.66 -5.82 11.03
C ARG A 154 5.69 -6.31 12.05
N TYR A 155 5.19 -6.71 13.22
CA TYR A 155 6.03 -6.97 14.40
C TYR A 155 6.60 -8.39 14.47
N ILE A 156 6.01 -9.29 13.69
CA ILE A 156 6.48 -10.67 13.67
C ILE A 156 7.10 -10.92 12.34
N PHE A 157 6.29 -10.98 11.29
CA PHE A 157 6.80 -11.34 9.98
C PHE A 157 7.79 -10.39 9.27
N ALA A 158 7.40 -9.13 9.06
CA ALA A 158 8.34 -8.18 8.40
C ALA A 158 9.58 -7.89 9.27
N SER A 159 9.36 -7.76 10.56
CA SER A 159 10.43 -7.46 11.48
C SER A 159 11.43 -8.59 11.46
N ASN A 160 10.94 -9.81 11.42
CA ASN A 160 11.84 -10.94 11.35
C ASN A 160 12.65 -10.93 10.05
N LEU A 161 12.02 -10.55 8.94
CA LEU A 161 12.71 -10.37 7.65
C LEU A 161 13.81 -9.31 7.70
N TYR A 162 13.55 -8.20 8.38
CA TYR A 162 14.54 -7.16 8.54
C TYR A 162 15.75 -7.61 9.35
N GLU A 163 15.45 -8.21 10.52
CA GLU A 163 16.45 -8.84 11.39
C GLU A 163 17.27 -9.91 10.68
N SER A 164 16.68 -10.61 9.72
CA SER A 164 17.40 -11.56 8.91
C SER A 164 18.15 -10.95 7.70
N GLU A 165 18.16 -9.62 7.58
CA GLU A 165 18.76 -8.94 6.41
C GLU A 165 18.13 -9.32 5.06
N SER A 166 16.87 -9.75 5.09
CA SER A 166 16.08 -9.89 3.88
C SER A 166 15.40 -8.59 3.43
N MET A 167 15.33 -7.62 4.34
CA MET A 167 14.97 -6.25 4.01
C MET A 167 16.06 -5.35 4.51
N ASN A 168 16.55 -4.48 3.65
CA ASN A 168 17.57 -3.53 4.05
C ASN A 168 16.94 -2.36 4.80
N GLU A 169 17.75 -1.34 5.12
CA GLU A 169 17.28 -0.25 6.00
C GLU A 169 16.19 0.62 5.34
N THR A 170 16.36 0.85 4.06
CA THR A 170 15.46 1.69 3.27
C THR A 170 14.11 0.96 3.12
N GLU A 171 14.15 -0.32 2.76
CA GLU A 171 12.89 -1.10 2.67
C GLU A 171 12.19 -1.11 4.02
N TRP A 172 12.92 -1.32 5.11
CA TRP A 172 12.27 -1.44 6.37
C TRP A 172 11.68 -0.09 6.76
N THR A 173 12.37 0.99 6.40
CA THR A 173 11.86 2.33 6.75
C THR A 173 10.54 2.67 6.01
N ILE A 174 10.55 2.48 4.69
CA ILE A 174 9.37 2.62 3.80
C ILE A 174 8.21 1.80 4.36
N TYR A 175 8.49 0.54 4.63
CA TYR A 175 7.45 -0.33 5.15
C TYR A 175 6.78 0.17 6.42
N GLN A 176 7.55 0.48 7.47
CA GLN A 176 6.97 0.99 8.71
C GLN A 176 6.23 2.34 8.48
N ASP A 177 6.76 3.17 7.59
CA ASP A 177 6.16 4.53 7.27
C ASP A 177 4.76 4.26 6.67
N TRP A 178 4.69 3.36 5.71
CA TRP A 178 3.43 2.96 5.08
C TRP A 178 2.42 2.40 6.09
N HIS A 179 2.89 1.43 6.87
CA HIS A 179 2.07 0.74 7.89
C HIS A 179 1.57 1.75 8.91
N ASP A 180 2.47 2.64 9.37
CA ASP A 180 2.06 3.66 10.32
C ASP A 180 0.92 4.47 9.75
N TRP A 181 1.09 4.90 8.50
CA TRP A 181 0.13 5.79 7.87
C TRP A 181 -1.21 5.09 7.68
N MET A 182 -1.20 3.92 7.07
CA MET A 182 -2.41 3.08 6.96
C MET A 182 -3.16 2.96 8.27
N ASN A 183 -2.43 2.72 9.35
CA ASN A 183 -3.08 2.61 10.65
C ASN A 183 -3.67 3.86 11.26
N ASN A 184 -3.06 5.02 11.02
CA ASN A 184 -3.65 6.28 11.46
C ASN A 184 -4.96 6.53 10.69
N GLN A 185 -5.04 6.06 9.44
CA GLN A 185 -6.29 6.11 8.67
C GLN A 185 -7.25 5.00 9.10
N PHE A 186 -6.90 3.76 8.73
CA PHE A 186 -7.77 2.57 8.85
C PHE A 186 -7.44 1.76 10.10
N GLY A 187 -7.35 2.45 11.23
CA GLY A 187 -6.83 1.83 12.44
C GLY A 187 -7.84 1.68 13.54
N GLN A 188 -8.43 2.81 13.95
CA GLN A 188 -9.53 2.86 14.94
C GLN A 188 -10.54 1.73 14.68
N SER A 189 -11.05 1.69 13.46
CA SER A 189 -12.03 0.69 13.05
C SER A 189 -11.54 -0.75 13.20
N LEU A 190 -10.23 -0.93 13.07
CA LEU A 190 -9.59 -2.24 13.10
C LEU A 190 -9.01 -2.64 14.46
N GLU A 191 -9.07 -1.73 15.44
CA GLU A 191 -8.56 -2.00 16.79
C GLU A 191 -9.14 -3.25 17.45
N LEU A 192 -8.26 -4.09 17.98
CA LEU A 192 -8.66 -5.35 18.59
C LEU A 192 -9.16 -5.21 20.01
N ASP A 193 -10.21 -5.99 20.31
CA ASP A 193 -10.77 -6.15 21.63
C ASP A 193 -10.07 -7.29 22.40
N GLY A 194 -9.45 -8.23 21.69
CA GLY A 194 -8.66 -9.29 22.34
C GLY A 194 -7.85 -10.10 21.34
N ILE A 195 -6.94 -10.93 21.85
CA ILE A 195 -6.11 -11.76 21.01
C ILE A 195 -6.15 -13.21 21.57
N ILE A 196 -6.35 -14.17 20.67
CA ILE A 196 -6.26 -15.54 21.10
C ILE A 196 -4.96 -16.06 20.45
N TYR A 197 -4.03 -16.49 21.29
CA TYR A 197 -2.74 -16.97 20.84
C TYR A 197 -2.73 -18.49 20.90
N LEU A 198 -2.64 -19.13 19.72
CA LEU A 198 -2.54 -20.58 19.58
C LEU A 198 -1.06 -20.90 19.55
N GLN A 199 -0.60 -21.52 20.61
CA GLN A 199 0.79 -21.73 20.84
C GLN A 199 1.08 -23.19 20.51
N ALA A 200 1.99 -23.40 19.58
CA ALA A 200 2.48 -24.71 19.16
C ALA A 200 4.01 -24.61 19.05
N THR A 201 4.71 -25.70 19.36
CA THR A 201 6.18 -25.67 19.22
C THR A 201 6.55 -25.60 17.74
N PRO A 202 7.73 -25.03 17.41
CA PRO A 202 8.24 -25.07 16.06
C PRO A 202 8.15 -26.47 15.44
N GLU A 203 8.51 -27.51 16.19
CA GLU A 203 8.46 -28.87 15.66
C GLU A 203 7.05 -29.26 15.23
N THR A 204 6.05 -28.90 16.04
CA THR A 204 4.66 -29.16 15.71
C THR A 204 4.29 -28.43 14.43
N CYS A 205 4.67 -27.17 14.36
CA CYS A 205 4.41 -26.37 13.16
C CYS A 205 5.06 -26.95 11.93
N LEU A 206 6.32 -27.38 12.01
CA LEU A 206 6.95 -27.96 10.85
C LEU A 206 6.24 -29.22 10.36
N HIS A 207 5.85 -30.08 11.30
CA HIS A 207 5.05 -31.25 11.02
C HIS A 207 3.77 -30.89 10.31
N ARG A 208 3.07 -29.87 10.83
CA ARG A 208 1.81 -29.46 10.28
C ARG A 208 1.94 -28.82 8.90
N ILE A 209 3.09 -28.19 8.62
CA ILE A 209 3.36 -27.67 7.26
C ILE A 209 3.39 -28.81 6.27
N TYR A 210 4.02 -29.90 6.69
CA TYR A 210 4.11 -31.09 5.86
C TYR A 210 2.74 -31.75 5.69
N LEU A 211 1.95 -31.80 6.75
CA LEU A 211 0.62 -32.38 6.65
C LEU A 211 -0.20 -31.60 5.66
N ARG A 212 -0.09 -30.28 5.72
CA ARG A 212 -1.01 -29.42 4.98
C ARG A 212 -0.66 -29.45 3.50
N GLY A 213 0.66 -29.52 3.23
CA GLY A 213 1.23 -29.75 1.90
C GLY A 213 1.24 -28.53 0.98
N ARG A 214 1.14 -27.34 1.53
CA ARG A 214 1.19 -26.13 0.71
C ARG A 214 2.57 -26.09 0.05
N ASN A 215 2.58 -26.09 -1.27
CA ASN A 215 3.79 -26.21 -2.02
C ASN A 215 4.88 -25.20 -1.70
N GLU A 216 4.49 -23.95 -1.54
CA GLU A 216 5.54 -22.93 -1.35
C GLU A 216 6.26 -22.99 0.00
N GLU A 217 5.71 -23.76 0.95
CA GLU A 217 6.21 -23.78 2.31
C GLU A 217 7.04 -25.04 2.58
N GLN A 218 7.20 -25.91 1.58
CA GLN A 218 7.82 -27.22 1.86
C GLN A 218 9.32 -27.19 2.17
N GLY A 219 9.99 -26.12 1.78
CA GLY A 219 11.40 -25.93 2.10
C GLY A 219 11.69 -25.10 3.36
N ILE A 220 10.67 -24.77 4.15
CA ILE A 220 10.87 -23.92 5.31
C ILE A 220 11.69 -24.67 6.35
N PRO A 221 12.79 -24.09 6.83
CA PRO A 221 13.52 -24.88 7.86
C PRO A 221 13.03 -24.63 9.26
N LEU A 222 13.31 -25.61 10.12
CA LEU A 222 13.01 -25.49 11.54
C LEU A 222 13.44 -24.11 12.12
N GLU A 223 14.66 -23.71 11.74
CA GLU A 223 15.29 -22.48 12.21
C GLU A 223 14.45 -21.24 11.94
N TYR A 224 13.80 -21.16 10.79
CA TYR A 224 12.92 -20.06 10.45
C TYR A 224 11.69 -20.02 11.35
N LEU A 225 11.07 -21.19 11.53
CA LEU A 225 9.89 -21.33 12.42
C LEU A 225 10.22 -20.98 13.88
N GLU A 226 11.39 -21.41 14.33
CA GLU A 226 11.89 -21.07 15.62
C GLU A 226 12.00 -19.55 15.82
N LYS A 227 12.52 -18.81 14.82
CA LYS A 227 12.58 -17.32 14.95
C LYS A 227 11.20 -16.70 15.06
N LEU A 228 10.29 -17.20 14.24
CA LEU A 228 8.90 -16.77 14.34
C LEU A 228 8.29 -17.11 15.65
N HIS A 229 8.61 -18.30 16.18
CA HIS A 229 8.14 -18.69 17.51
C HIS A 229 8.55 -17.69 18.59
N TYR A 230 9.85 -17.37 18.63
CA TYR A 230 10.35 -16.42 19.60
C TYR A 230 9.69 -15.03 19.56
N LYS A 231 9.37 -14.55 18.35
CA LYS A 231 8.68 -13.27 18.22
C LYS A 231 7.29 -13.33 18.80
N HIS A 232 6.58 -14.41 18.55
CA HIS A 232 5.22 -14.52 19.07
C HIS A 232 5.24 -14.61 20.59
N GLU A 233 6.19 -15.37 21.12
CA GLU A 233 6.34 -15.50 22.56
C GLU A 233 6.62 -14.11 23.20
N SER A 234 7.51 -13.33 22.59
CA SER A 234 7.88 -12.01 23.14
C SER A 234 6.68 -11.09 23.11
N TRP A 235 5.94 -11.16 22.02
CA TRP A 235 4.77 -10.29 21.83
C TRP A 235 3.61 -10.71 22.74
N LEU A 236 3.26 -12.00 22.71
CA LEU A 236 2.00 -12.45 23.27
C LEU A 236 2.06 -13.12 24.64
N LEU A 237 3.23 -13.59 25.01
CA LEU A 237 3.29 -14.44 26.19
C LEU A 237 4.07 -13.71 27.25
N HIS A 238 5.32 -13.35 26.94
CA HIS A 238 6.14 -12.51 27.83
C HIS A 238 5.75 -11.03 27.79
N ARG A 239 5.14 -10.63 26.68
CA ARG A 239 4.69 -9.25 26.46
C ARG A 239 5.78 -8.18 26.63
N THR A 240 6.97 -8.45 26.10
CA THR A 240 8.13 -7.58 26.20
C THR A 240 8.36 -6.83 24.89
N LEU A 241 7.60 -7.20 23.86
CA LEU A 241 7.77 -6.58 22.57
C LEU A 241 6.90 -5.33 22.53
N LYS A 242 7.53 -4.18 22.30
CA LYS A 242 6.83 -2.90 22.29
C LYS A 242 6.47 -2.48 20.86
N THR A 243 5.21 -2.11 20.66
CA THR A 243 4.77 -1.70 19.36
C THR A 243 4.53 -0.21 19.41
N ASN A 244 4.30 0.35 18.22
CA ASN A 244 3.88 1.76 18.06
C ASN A 244 2.41 2.00 18.39
N PHE A 245 1.73 0.97 18.89
CA PHE A 245 0.31 1.02 19.13
C PHE A 245 0.02 0.77 20.61
N ASP A 246 -0.06 1.87 21.37
CA ASP A 246 -0.08 1.80 22.85
C ASP A 246 -1.17 0.94 23.49
N TYR A 247 -2.37 0.93 22.91
CA TYR A 247 -3.46 0.11 23.44
C TYR A 247 -3.11 -1.39 23.53
N LEU A 248 -2.22 -1.85 22.65
CA LEU A 248 -1.85 -3.27 22.61
C LEU A 248 -1.09 -3.75 23.84
N GLN A 249 -0.54 -2.80 24.63
CA GLN A 249 0.09 -3.19 25.90
C GLN A 249 -0.96 -3.69 26.89
N GLU A 250 -2.23 -3.40 26.61
CA GLU A 250 -3.34 -3.67 27.53
C GLU A 250 -4.35 -4.68 27.04
N VAL A 251 -4.39 -4.91 25.72
CA VAL A 251 -5.37 -5.82 25.13
C VAL A 251 -5.28 -7.18 25.81
N PRO A 252 -6.43 -7.75 26.18
CA PRO A 252 -6.46 -9.07 26.84
C PRO A 252 -5.99 -10.14 25.87
N ILE A 253 -5.27 -11.13 26.39
CA ILE A 253 -4.75 -12.23 25.57
C ILE A 253 -5.10 -13.54 26.19
N LEU A 254 -5.59 -14.44 25.36
CA LEU A 254 -5.83 -15.80 25.80
C LEU A 254 -4.82 -16.69 25.12
N THR A 255 -4.01 -17.39 25.89
CA THR A 255 -3.04 -18.31 25.31
C THR A 255 -3.52 -19.74 25.37
N LEU A 256 -3.56 -20.41 24.22
CA LEU A 256 -4.01 -21.82 24.15
C LEU A 256 -2.93 -22.76 23.61
N ASP A 257 -2.71 -23.90 24.29
CA ASP A 257 -1.71 -24.83 23.83
C ASP A 257 -2.37 -25.74 22.77
N VAL A 258 -1.88 -25.71 21.52
CA VAL A 258 -2.47 -26.55 20.46
C VAL A 258 -1.56 -27.67 19.94
N ASN A 259 -0.57 -28.07 20.75
CA ASN A 259 0.29 -29.17 20.33
C ASN A 259 -0.38 -30.54 20.21
N GLU A 260 -1.42 -30.82 21.01
CA GLU A 260 -2.06 -32.13 20.96
C GLU A 260 -2.95 -32.28 19.74
N ASP A 261 -3.24 -33.52 19.39
CA ASP A 261 -4.21 -33.79 18.36
C ASP A 261 -5.50 -33.04 18.67
N PHE A 262 -6.19 -32.61 17.62
CA PHE A 262 -7.37 -31.73 17.73
C PHE A 262 -8.44 -32.18 18.73
N LYS A 263 -8.88 -33.44 18.67
CA LYS A 263 -9.94 -33.93 19.55
C LYS A 263 -9.56 -33.89 21.05
N ASP A 264 -8.27 -34.05 21.32
CA ASP A 264 -7.81 -34.27 22.69
C ASP A 264 -7.98 -33.04 23.59
N LYS A 265 -7.96 -31.85 23.00
CA LYS A 265 -8.06 -30.64 23.81
C LYS A 265 -9.18 -29.71 23.43
N TYR A 266 -9.89 -30.00 22.34
CA TYR A 266 -10.88 -29.11 21.79
C TYR A 266 -11.94 -28.64 22.78
N GLU A 267 -12.47 -29.56 23.60
CA GLU A 267 -13.45 -29.23 24.62
C GLU A 267 -13.00 -28.12 25.58
N SER A 268 -11.82 -28.29 26.17
CA SER A 268 -11.25 -27.30 27.10
C SER A 268 -10.95 -25.97 26.41
N LEU A 269 -10.51 -26.04 25.17
CA LEU A 269 -10.22 -24.84 24.39
C LEU A 269 -11.47 -24.02 24.15
N VAL A 270 -12.52 -24.71 23.72
CA VAL A 270 -13.78 -24.02 23.53
C VAL A 270 -14.20 -23.35 24.85
N GLU A 271 -14.14 -24.09 25.98
CA GLU A 271 -14.59 -23.59 27.30
C GLU A 271 -13.85 -22.29 27.65
N LYS A 272 -12.53 -22.32 27.44
CA LYS A 272 -11.65 -21.18 27.66
C LYS A 272 -11.96 -19.99 26.77
N VAL A 273 -12.35 -20.23 25.52
CA VAL A 273 -12.63 -19.14 24.61
C VAL A 273 -13.93 -18.46 25.06
N LYS A 274 -14.92 -19.28 25.35
CA LYS A 274 -16.20 -18.81 25.83
C LYS A 274 -16.05 -17.97 27.10
N GLU A 275 -15.27 -18.47 28.06
CA GLU A 275 -15.01 -17.75 29.31
C GLU A 275 -14.30 -16.43 29.02
N PHE A 276 -13.31 -16.43 28.11
CA PHE A 276 -12.55 -15.23 27.70
C PHE A 276 -13.41 -14.13 27.04
N LEU A 277 -14.25 -14.53 26.08
CA LEU A 277 -15.16 -13.64 25.37
C LEU A 277 -16.15 -12.94 26.31
N SER A 278 -16.54 -13.63 27.36
CA SER A 278 -17.49 -13.10 28.33
C SER A 278 -16.87 -12.05 29.25
N THR A 279 -15.54 -11.96 29.27
CA THR A 279 -14.79 -10.90 30.02
C THR A 279 -14.52 -9.63 29.23
N LEU A 280 -14.55 -9.73 27.90
CA LEU A 280 -14.50 -8.55 27.04
C LEU A 280 -15.90 -7.90 26.98
N ARG B 40 -15.35 21.43 -0.79
CA ARG B 40 -15.45 22.75 -1.47
C ARG B 40 -14.15 23.16 -2.17
N ILE B 41 -13.01 22.69 -1.68
CA ILE B 41 -11.74 23.05 -2.27
C ILE B 41 -11.64 22.56 -3.71
N LYS B 42 -11.19 23.41 -4.62
CA LYS B 42 -11.06 23.01 -6.03
C LYS B 42 -9.66 22.40 -6.11
N LYS B 43 -9.51 21.32 -6.84
CA LYS B 43 -8.20 20.65 -6.84
C LYS B 43 -7.76 20.57 -8.29
N ILE B 44 -6.56 21.08 -8.54
CA ILE B 44 -6.07 21.21 -9.90
C ILE B 44 -4.67 20.56 -9.93
N SER B 45 -4.46 19.58 -10.79
CA SER B 45 -3.13 18.99 -10.90
C SER B 45 -2.32 19.62 -12.02
N ILE B 46 -1.03 19.86 -11.74
CA ILE B 46 -0.12 20.40 -12.71
C ILE B 46 0.67 19.21 -13.17
N GLU B 47 0.66 18.96 -14.47
CA GLU B 47 1.30 17.75 -15.02
C GLU B 47 2.33 18.16 -16.07
N GLY B 48 3.35 17.32 -16.29
CA GLY B 48 4.34 17.64 -17.25
C GLY B 48 5.56 16.74 -17.01
N ASN B 49 6.44 16.71 -17.98
CA ASN B 49 7.60 15.85 -17.88
C ASN B 49 8.59 16.36 -16.82
N ILE B 50 9.55 15.51 -16.49
CA ILE B 50 10.57 15.93 -15.55
C ILE B 50 11.26 17.25 -15.97
N ALA B 51 11.35 18.20 -15.05
CA ALA B 51 11.92 19.54 -15.28
C ALA B 51 11.26 20.40 -16.32
N ALA B 52 10.01 20.12 -16.69
CA ALA B 52 9.26 21.01 -17.54
C ALA B 52 9.11 22.44 -16.90
N GLY B 53 9.07 22.51 -15.57
CA GLY B 53 8.86 23.78 -14.85
C GLY B 53 7.64 23.89 -13.93
N LYS B 54 7.17 22.73 -13.41
CA LYS B 54 5.88 22.67 -12.68
C LYS B 54 6.02 23.33 -11.32
N SER B 55 7.08 23.02 -10.58
CA SER B 55 7.35 23.65 -9.26
C SER B 55 7.49 25.15 -9.38
N THR B 56 8.24 25.57 -10.39
CA THR B 56 8.48 26.98 -10.63
C THR B 56 7.14 27.65 -10.92
N PHE B 57 6.33 27.03 -11.78
CA PHE B 57 5.10 27.63 -12.25
C PHE B 57 4.08 27.73 -11.11
N VAL B 58 3.92 26.64 -10.37
CA VAL B 58 2.91 26.66 -9.31
C VAL B 58 3.33 27.57 -8.14
N ASN B 59 4.63 27.74 -7.93
CA ASN B 59 5.13 28.63 -6.86
C ASN B 59 4.85 30.10 -7.15
N ILE B 60 4.82 30.44 -8.43
CA ILE B 60 4.46 31.78 -8.92
C ILE B 60 2.98 31.97 -8.79
N LEU B 61 2.26 31.00 -9.31
CA LEU B 61 0.83 31.01 -9.33
C LEU B 61 0.27 31.19 -7.94
N LYS B 62 0.87 30.53 -6.96
CA LYS B 62 0.37 30.55 -5.59
C LYS B 62 0.22 31.98 -5.03
N GLN B 63 1.08 32.90 -5.47
CA GLN B 63 1.17 34.21 -4.86
C GLN B 63 0.05 35.13 -5.33
N LEU B 64 -0.69 34.71 -6.35
CA LEU B 64 -1.81 35.51 -6.85
C LEU B 64 -2.97 35.59 -5.89
N SER B 65 -3.09 34.64 -4.97
CA SER B 65 -4.20 34.68 -4.05
C SER B 65 -3.88 33.98 -2.77
N GLU B 66 -4.38 34.52 -1.67
CA GLU B 66 -4.30 33.81 -0.41
C GLU B 66 -5.19 32.57 -0.37
N ASP B 67 -6.17 32.51 -1.27
CA ASP B 67 -7.10 31.38 -1.38
C ASP B 67 -6.45 30.20 -2.12
N TRP B 68 -5.23 30.42 -2.61
CA TRP B 68 -4.52 29.45 -3.44
C TRP B 68 -3.35 28.83 -2.68
N GLU B 69 -3.34 27.50 -2.57
CA GLU B 69 -2.22 26.78 -1.94
C GLU B 69 -1.66 25.69 -2.85
N VAL B 70 -0.42 25.26 -2.59
CA VAL B 70 0.20 24.17 -3.37
C VAL B 70 0.57 22.95 -2.49
N VAL B 71 0.48 21.75 -3.08
CA VAL B 71 1.07 20.53 -2.50
C VAL B 71 2.26 20.07 -3.40
N PRO B 72 3.50 20.27 -2.95
CA PRO B 72 4.62 19.84 -3.83
C PRO B 72 4.82 18.33 -3.87
N GLU B 73 5.44 17.84 -4.93
CA GLU B 73 5.86 16.46 -4.98
C GLU B 73 6.91 16.30 -3.90
N PRO B 74 6.77 15.25 -3.06
CA PRO B 74 7.67 15.15 -1.89
C PRO B 74 9.06 14.57 -2.22
N VAL B 75 9.72 15.14 -3.23
CA VAL B 75 11.03 14.66 -3.73
C VAL B 75 12.14 14.55 -2.68
N ALA B 76 12.24 15.56 -1.80
CA ALA B 76 13.10 15.49 -0.62
C ALA B 76 12.94 14.20 0.19
N ARG B 77 11.69 13.75 0.40
CA ARG B 77 11.39 12.53 1.17
C ARG B 77 11.87 11.29 0.44
N TRP B 78 12.02 11.41 -0.89
CA TRP B 78 12.48 10.30 -1.71
C TRP B 78 13.99 10.17 -1.78
N SER B 79 14.69 11.29 -1.67
CA SER B 79 16.14 11.26 -1.72
C SER B 79 16.74 11.12 -0.31
N ASN B 80 15.88 11.26 0.70
CA ASN B 80 16.27 11.02 2.08
C ASN B 80 15.14 10.35 2.85
N VAL B 81 15.19 9.03 2.84
CA VAL B 81 14.08 8.21 3.30
C VAL B 81 14.05 8.17 4.81
N GLN B 82 13.03 8.81 5.37
CA GLN B 82 12.96 8.96 6.79
C GLN B 82 11.59 8.62 7.28
N SER B 83 11.56 8.31 8.57
CA SER B 83 10.51 7.57 9.22
C SER B 83 9.47 8.48 9.85
N GLY B 98 20.02 8.22 6.27
CA GLY B 98 18.82 8.00 5.41
C GLY B 98 19.04 7.58 3.96
N GLY B 99 18.37 6.51 3.51
CA GLY B 99 18.57 5.97 2.16
C GLY B 99 18.01 6.84 1.04
N ASN B 100 18.55 6.68 -0.15
CA ASN B 100 18.14 7.50 -1.28
C ASN B 100 17.47 6.62 -2.30
N VAL B 101 16.15 6.48 -2.18
CA VAL B 101 15.39 5.54 -3.00
C VAL B 101 15.20 6.06 -4.41
N LEU B 102 15.24 7.39 -4.59
CA LEU B 102 15.29 7.99 -5.92
C LEU B 102 16.54 7.54 -6.67
N GLN B 103 17.68 7.68 -6.03
CA GLN B 103 18.94 7.29 -6.64
C GLN B 103 18.94 5.77 -6.98
N MET B 104 18.43 4.96 -6.06
CA MET B 104 18.37 3.49 -6.19
C MET B 104 17.52 3.12 -7.40
N MET B 105 16.39 3.83 -7.58
CA MET B 105 15.54 3.58 -8.74
C MET B 105 16.25 3.89 -10.06
N TYR B 106 17.02 4.99 -10.15
CA TYR B 106 17.68 5.34 -11.39
C TYR B 106 18.88 4.42 -11.64
N GLU B 107 19.56 4.01 -10.58
CA GLU B 107 20.79 3.23 -10.75
C GLU B 107 20.50 1.76 -11.03
N LYS B 108 19.45 1.24 -10.38
CA LYS B 108 19.10 -0.17 -10.50
C LYS B 108 17.59 -0.34 -10.71
N PRO B 109 17.07 0.13 -11.86
CA PRO B 109 15.62 0.11 -12.01
C PRO B 109 14.98 -1.27 -11.87
N GLU B 110 15.65 -2.35 -12.32
CA GLU B 110 15.02 -3.68 -12.26
C GLU B 110 14.85 -4.16 -10.81
N ARG B 111 15.60 -3.57 -9.90
CA ARG B 111 15.52 -3.93 -8.48
C ARG B 111 14.60 -3.04 -7.65
N TRP B 112 14.60 -1.73 -7.96
CA TRP B 112 14.05 -0.73 -7.05
C TRP B 112 12.85 0.04 -7.58
N SER B 113 12.45 -0.24 -8.84
CA SER B 113 11.31 0.47 -9.46
C SER B 113 10.00 0.29 -8.67
N PHE B 114 9.66 -0.95 -8.36
CA PHE B 114 8.41 -1.17 -7.63
C PHE B 114 8.49 -0.48 -6.30
N THR B 115 9.59 -0.68 -5.57
CA THR B 115 9.72 -0.06 -4.27
C THR B 115 9.61 1.46 -4.34
N PHE B 116 10.36 2.09 -5.25
CA PHE B 116 10.21 3.54 -5.46
C PHE B 116 8.77 3.99 -5.78
N GLN B 117 8.13 3.33 -6.74
CA GLN B 117 6.79 3.79 -7.16
C GLN B 117 5.73 3.72 -6.06
N THR B 118 5.79 2.65 -5.27
CA THR B 118 4.89 2.48 -4.12
C THR B 118 5.13 3.62 -3.14
N TYR B 119 6.38 3.90 -2.81
CA TYR B 119 6.64 4.96 -1.89
C TYR B 119 6.31 6.36 -2.46
N ALA B 120 6.54 6.53 -3.76
CA ALA B 120 6.27 7.84 -4.41
C ALA B 120 4.77 8.14 -4.26
N CYS B 121 3.95 7.16 -4.61
CA CYS B 121 2.50 7.31 -4.56
C CYS B 121 1.98 7.43 -3.12
N LEU B 122 2.53 6.61 -2.22
CA LEU B 122 2.20 6.69 -0.78
C LEU B 122 2.48 8.10 -0.25
N SER B 123 3.68 8.64 -0.53
CA SER B 123 4.10 9.99 -0.05
C SER B 123 3.25 11.13 -0.65
N ARG B 124 2.85 10.95 -1.91
CA ARG B 124 1.94 11.88 -2.57
C ARG B 124 0.53 11.92 -1.92
N ILE B 125 -0.11 10.76 -1.83
CA ILE B 125 -1.44 10.65 -1.17
C ILE B 125 -1.39 11.23 0.22
N ARG B 126 -0.37 10.88 0.99
CA ARG B 126 -0.28 11.39 2.33
C ARG B 126 -0.31 12.93 2.34
N ALA B 127 0.55 13.56 1.53
CA ALA B 127 0.71 15.02 1.45
C ALA B 127 -0.56 15.71 0.98
N GLN B 128 -1.23 15.14 -0.05
CA GLN B 128 -2.45 15.73 -0.61
C GLN B 128 -3.60 15.70 0.39
N LEU B 129 -3.77 14.56 1.08
CA LEU B 129 -4.84 14.43 2.10
C LEU B 129 -4.58 15.37 3.26
N ALA B 130 -3.33 15.57 3.59
CA ALA B 130 -2.93 16.46 4.68
C ALA B 130 -3.28 17.93 4.39
N SER B 131 -3.03 18.38 3.15
CA SER B 131 -3.31 19.75 2.76
C SER B 131 -4.81 19.99 2.68
N LEU B 132 -5.58 18.99 2.27
CA LEU B 132 -7.03 19.14 2.15
C LEU B 132 -7.64 19.47 3.52
N ASN B 133 -7.19 18.75 4.54
CA ASN B 133 -7.74 18.83 5.88
C ASN B 133 -7.35 20.11 6.59
N GLY B 134 -6.26 20.74 6.16
CA GLY B 134 -5.82 22.01 6.74
C GLY B 134 -5.53 23.07 5.70
N ASP B 138 -11.74 28.78 5.66
CA ASP B 138 -11.71 30.22 5.86
C ASP B 138 -11.25 30.95 4.60
N ALA B 139 -11.43 30.29 3.46
CA ALA B 139 -11.09 30.87 2.18
C ALA B 139 -12.37 30.99 1.36
N GLU B 140 -12.53 32.14 0.70
CA GLU B 140 -13.69 32.41 -0.18
C GLU B 140 -13.80 31.35 -1.27
N LYS B 141 -12.81 31.31 -2.16
CA LYS B 141 -12.78 30.36 -3.28
C LYS B 141 -11.47 29.52 -3.25
N PRO B 142 -11.40 28.54 -2.36
CA PRO B 142 -10.12 27.85 -2.17
C PRO B 142 -9.71 27.01 -3.38
N VAL B 143 -8.43 27.10 -3.74
CA VAL B 143 -7.87 26.24 -4.79
C VAL B 143 -6.59 25.58 -4.25
N LEU B 144 -6.54 24.27 -4.42
CA LEU B 144 -5.36 23.52 -4.07
C LEU B 144 -4.68 23.01 -5.38
N PHE B 145 -3.42 23.33 -5.59
CA PHE B 145 -2.72 22.85 -6.77
C PHE B 145 -1.79 21.70 -6.37
N PHE B 146 -1.98 20.55 -6.99
CA PHE B 146 -1.11 19.41 -6.74
C PHE B 146 0.00 19.39 -7.80
N GLU B 147 1.26 19.28 -7.38
CA GLU B 147 2.31 18.95 -8.38
C GLU B 147 2.18 17.47 -8.69
N ARG B 148 1.69 17.16 -9.89
CA ARG B 148 1.35 15.78 -10.33
C ARG B 148 0.25 15.11 -9.48
N SER B 149 -0.19 13.94 -9.90
CA SER B 149 -1.33 13.28 -9.28
C SER B 149 -1.09 11.78 -9.17
N VAL B 150 -1.98 11.10 -8.45
CA VAL B 150 -1.97 9.64 -8.34
C VAL B 150 -2.11 8.97 -9.72
N TYR B 151 -2.71 9.68 -10.66
CA TYR B 151 -2.89 9.14 -12.02
C TYR B 151 -1.65 9.13 -12.85
N SER B 152 -0.89 10.21 -12.80
CA SER B 152 0.38 10.23 -13.52
C SER B 152 1.40 9.24 -12.89
N ASP B 153 1.37 9.10 -11.57
CA ASP B 153 2.14 8.09 -10.83
C ASP B 153 1.98 6.72 -11.51
N ARG B 154 0.74 6.29 -11.69
CA ARG B 154 0.39 4.96 -12.18
C ARG B 154 0.48 4.88 -13.68
N TYR B 155 -0.14 5.83 -14.37
CA TYR B 155 -0.33 5.69 -15.81
C TYR B 155 0.79 6.22 -16.69
N ILE B 156 1.67 7.05 -16.12
CA ILE B 156 2.80 7.59 -16.83
C ILE B 156 4.05 6.88 -16.30
N PHE B 157 4.44 7.15 -15.05
CA PHE B 157 5.69 6.60 -14.48
C PHE B 157 5.74 5.09 -14.22
N ALA B 158 4.81 4.59 -13.39
CA ALA B 158 4.82 3.13 -13.10
C ALA B 158 4.59 2.34 -14.38
N SER B 159 3.61 2.76 -15.20
CA SER B 159 3.35 2.12 -16.49
C SER B 159 4.61 2.06 -17.37
N ASN B 160 5.34 3.18 -17.51
CA ASN B 160 6.57 3.23 -18.30
C ASN B 160 7.63 2.22 -17.79
N LEU B 161 7.67 2.07 -16.48
CA LEU B 161 8.62 1.12 -15.87
C LEU B 161 8.28 -0.33 -16.26
N TYR B 162 6.99 -0.61 -16.29
CA TYR B 162 6.53 -1.94 -16.62
C TYR B 162 6.80 -2.19 -18.10
N GLU B 163 6.49 -1.19 -18.92
CA GLU B 163 6.74 -1.30 -20.37
C GLU B 163 8.22 -1.49 -20.72
N SER B 164 9.10 -0.95 -19.89
CA SER B 164 10.57 -1.06 -20.04
C SER B 164 11.14 -2.31 -19.42
N GLU B 165 10.25 -3.12 -18.85
CA GLU B 165 10.65 -4.33 -18.12
C GLU B 165 11.45 -4.00 -16.85
N SER B 166 11.27 -2.80 -16.30
CA SER B 166 11.92 -2.49 -15.00
C SER B 166 11.07 -2.99 -13.86
N MET B 167 9.79 -3.26 -14.10
CA MET B 167 8.97 -4.02 -13.16
C MET B 167 8.49 -5.25 -13.91
N ASN B 168 8.43 -6.39 -13.23
CA ASN B 168 7.83 -7.57 -13.87
C ASN B 168 6.32 -7.63 -13.72
N GLU B 169 5.68 -8.66 -14.30
CA GLU B 169 4.24 -8.76 -14.35
C GLU B 169 3.64 -8.85 -12.96
N THR B 170 4.32 -9.60 -12.10
CA THR B 170 3.87 -9.67 -10.71
C THR B 170 3.89 -8.36 -9.94
N GLU B 171 5.00 -7.65 -10.01
CA GLU B 171 5.17 -6.31 -9.44
C GLU B 171 4.13 -5.34 -9.97
N TRP B 172 3.87 -5.39 -11.27
CA TRP B 172 2.90 -4.44 -11.88
C TRP B 172 1.50 -4.73 -11.44
N THR B 173 1.18 -6.04 -11.32
CA THR B 173 -0.15 -6.49 -10.87
C THR B 173 -0.35 -6.10 -9.41
N ILE B 174 0.68 -6.31 -8.57
CA ILE B 174 0.61 -5.85 -7.18
C ILE B 174 0.42 -4.31 -7.08
N TYR B 175 1.26 -3.61 -7.81
CA TYR B 175 1.17 -2.14 -7.83
C TYR B 175 -0.25 -1.70 -8.18
N GLN B 176 -0.79 -2.23 -9.27
CA GLN B 176 -2.10 -1.80 -9.72
C GLN B 176 -3.19 -2.11 -8.68
N ASP B 177 -3.11 -3.26 -8.00
CA ASP B 177 -4.08 -3.69 -7.00
C ASP B 177 -4.03 -2.71 -5.82
N TRP B 178 -2.83 -2.47 -5.34
CA TRP B 178 -2.52 -1.51 -4.26
C TRP B 178 -3.10 -0.11 -4.61
N HIS B 179 -2.80 0.35 -5.81
CA HIS B 179 -3.29 1.68 -6.27
C HIS B 179 -4.81 1.71 -6.36
N ASP B 180 -5.42 0.67 -6.98
CA ASP B 180 -6.87 0.54 -7.03
C ASP B 180 -7.48 0.63 -5.63
N TRP B 181 -6.87 -0.05 -4.67
CA TRP B 181 -7.52 -0.11 -3.36
C TRP B 181 -7.32 1.22 -2.62
N MET B 182 -6.07 1.69 -2.64
CA MET B 182 -5.65 2.92 -1.97
C MET B 182 -6.49 4.13 -2.40
N ASN B 183 -6.85 4.20 -3.68
CA ASN B 183 -7.67 5.30 -4.21
C ASN B 183 -9.17 5.09 -4.11
N ASN B 184 -9.61 3.85 -4.01
CA ASN B 184 -11.01 3.60 -3.70
C ASN B 184 -11.41 4.10 -2.31
N GLN B 185 -10.51 4.02 -1.35
CA GLN B 185 -10.74 4.61 -0.04
C GLN B 185 -10.76 6.15 -0.14
N PHE B 186 -9.90 6.69 -0.99
CA PHE B 186 -9.62 8.14 -1.08
C PHE B 186 -9.98 8.73 -2.43
N SER B 189 -12.43 12.52 -2.66
CA SER B 189 -11.69 13.43 -1.77
C SER B 189 -10.54 14.09 -2.50
N LEU B 190 -9.76 13.29 -3.22
CA LEU B 190 -8.69 13.77 -4.05
C LEU B 190 -9.09 14.00 -5.53
N GLU B 191 -10.35 13.75 -5.90
CA GLU B 191 -10.76 13.92 -7.31
C GLU B 191 -10.50 15.32 -7.82
N LEU B 192 -9.98 15.41 -9.04
CA LEU B 192 -9.53 16.69 -9.62
C LEU B 192 -10.69 17.38 -10.31
N ASP B 193 -10.65 18.69 -10.25
CA ASP B 193 -11.55 19.58 -10.96
C ASP B 193 -10.95 20.05 -12.30
N GLY B 194 -9.62 19.92 -12.45
CA GLY B 194 -8.99 20.33 -13.70
C GLY B 194 -7.53 19.89 -13.69
N ILE B 195 -6.91 19.90 -14.87
CA ILE B 195 -5.50 19.65 -14.98
C ILE B 195 -4.87 20.74 -15.81
N ILE B 196 -3.64 21.12 -15.45
CA ILE B 196 -2.83 22.10 -16.19
C ILE B 196 -1.64 21.28 -16.69
N TYR B 197 -1.53 21.15 -18.01
CA TYR B 197 -0.46 20.42 -18.66
C TYR B 197 0.62 21.40 -19.14
N LEU B 198 1.77 21.40 -18.45
CA LEU B 198 2.95 22.14 -18.90
C LEU B 198 3.73 21.31 -19.90
N GLN B 199 3.66 21.76 -21.15
CA GLN B 199 4.19 20.99 -22.27
C GLN B 199 5.58 21.55 -22.64
N ALA B 200 6.61 20.70 -22.55
CA ALA B 200 7.98 21.06 -22.98
C ALA B 200 8.54 19.90 -23.78
N THR B 201 9.43 20.17 -24.74
CA THR B 201 10.02 19.05 -25.50
C THR B 201 10.95 18.24 -24.61
N PRO B 202 11.20 16.94 -24.94
CA PRO B 202 12.22 16.25 -24.14
C PRO B 202 13.58 16.97 -24.11
N GLU B 203 13.97 17.66 -25.19
CA GLU B 203 15.29 18.39 -25.22
C GLU B 203 15.31 19.59 -24.25
N THR B 204 14.18 20.26 -24.13
CA THR B 204 14.01 21.33 -23.14
C THR B 204 14.10 20.75 -21.72
N CYS B 205 13.34 19.69 -21.45
CA CYS B 205 13.44 18.98 -20.18
C CYS B 205 14.85 18.47 -19.80
N LEU B 206 15.58 17.88 -20.74
CA LEU B 206 16.94 17.42 -20.47
C LEU B 206 17.86 18.59 -20.07
N HIS B 207 17.74 19.71 -20.81
CA HIS B 207 18.50 20.94 -20.49
C HIS B 207 18.18 21.38 -19.03
N ARG B 208 16.90 21.38 -18.68
CA ARG B 208 16.43 21.86 -17.36
C ARG B 208 16.80 20.93 -16.25
N ILE B 209 16.94 19.64 -16.56
CA ILE B 209 17.52 18.70 -15.59
C ILE B 209 18.94 19.12 -15.25
N TYR B 210 19.71 19.39 -16.28
CA TYR B 210 21.08 19.87 -16.10
C TYR B 210 21.08 21.19 -15.33
N LEU B 211 20.22 22.14 -15.71
CA LEU B 211 20.14 23.43 -15.00
C LEU B 211 19.92 23.32 -13.52
N ARG B 212 18.93 22.52 -13.17
CA ARG B 212 18.57 22.26 -11.81
C ARG B 212 19.66 21.51 -11.05
N GLY B 213 20.34 20.56 -11.71
CA GLY B 213 21.43 19.80 -11.08
C GLY B 213 21.15 18.79 -9.99
N ARG B 214 19.92 18.26 -9.89
CA ARG B 214 19.64 17.17 -8.95
C ARG B 214 20.56 15.99 -9.31
N ASN B 215 21.45 15.65 -8.38
CA ASN B 215 22.43 14.57 -8.62
C ASN B 215 21.85 13.26 -9.19
N GLU B 216 20.74 12.79 -8.62
CA GLU B 216 20.08 11.54 -9.02
C GLU B 216 19.67 11.50 -10.51
N GLU B 217 19.44 12.68 -11.09
CA GLU B 217 18.82 12.84 -12.43
C GLU B 217 19.82 13.03 -13.54
N GLN B 218 21.08 13.21 -13.18
CA GLN B 218 22.03 13.69 -14.17
C GLN B 218 22.35 12.67 -15.25
N GLY B 219 22.08 11.40 -14.98
CA GLY B 219 22.37 10.37 -15.96
C GLY B 219 21.19 10.02 -16.88
N ILE B 220 20.06 10.70 -16.73
CA ILE B 220 18.85 10.40 -17.55
C ILE B 220 19.08 10.67 -19.03
N PRO B 221 18.88 9.64 -19.91
CA PRO B 221 19.09 9.89 -21.33
C PRO B 221 17.89 10.55 -21.94
N LEU B 222 18.12 11.29 -23.01
CA LEU B 222 17.01 11.84 -23.81
C LEU B 222 15.90 10.80 -24.13
N GLU B 223 16.27 9.55 -24.42
CA GLU B 223 15.28 8.51 -24.82
C GLU B 223 14.25 8.18 -23.74
N TYR B 224 14.70 8.23 -22.48
CA TYR B 224 13.85 8.01 -21.31
C TYR B 224 12.83 9.15 -21.21
N LEU B 225 13.28 10.39 -21.38
CA LEU B 225 12.38 11.57 -21.37
C LEU B 225 11.39 11.59 -22.56
N GLU B 226 11.88 11.19 -23.76
CA GLU B 226 10.99 10.96 -24.92
C GLU B 226 9.87 10.00 -24.58
N LYS B 227 10.16 8.87 -23.93
CA LYS B 227 9.09 7.93 -23.51
C LYS B 227 8.07 8.53 -22.60
N LEU B 228 8.56 9.28 -21.61
CA LEU B 228 7.66 9.98 -20.66
C LEU B 228 6.81 11.01 -21.40
N HIS B 229 7.40 11.66 -22.39
CA HIS B 229 6.77 12.71 -23.21
C HIS B 229 5.63 12.10 -23.97
N TYR B 230 5.87 10.96 -24.65
CA TYR B 230 4.80 10.28 -25.41
C TYR B 230 3.61 9.88 -24.56
N LYS B 231 3.84 9.33 -23.36
CA LYS B 231 2.72 9.02 -22.44
C LYS B 231 1.95 10.27 -22.03
N HIS B 232 2.67 11.35 -21.77
CA HIS B 232 1.97 12.60 -21.40
C HIS B 232 1.06 13.04 -22.51
N GLU B 233 1.54 12.95 -23.75
CA GLU B 233 0.81 13.52 -24.87
C GLU B 233 -0.37 12.60 -25.15
N SER B 234 -0.17 11.30 -24.96
CA SER B 234 -1.25 10.37 -25.10
C SER B 234 -2.36 10.63 -24.07
N TRP B 235 -1.97 10.89 -22.81
CA TRP B 235 -2.95 11.07 -21.74
C TRP B 235 -3.68 12.41 -21.88
N LEU B 236 -2.90 13.45 -22.16
CA LEU B 236 -3.37 14.83 -21.98
C LEU B 236 -3.61 15.62 -23.25
N LEU B 237 -2.98 15.19 -24.35
CA LEU B 237 -3.16 15.91 -25.61
C LEU B 237 -4.09 15.13 -26.53
N HIS B 238 -3.71 13.89 -26.86
CA HIS B 238 -4.51 13.04 -27.73
C HIS B 238 -5.72 12.42 -27.03
N ARG B 239 -5.62 12.30 -25.70
CA ARG B 239 -6.64 11.70 -24.85
C ARG B 239 -6.93 10.24 -25.26
N THR B 240 -5.89 9.52 -25.65
CA THR B 240 -5.99 8.09 -26.03
C THR B 240 -5.62 7.11 -24.93
N LEU B 241 -4.94 7.61 -23.88
CA LEU B 241 -4.62 6.79 -22.72
C LEU B 241 -5.85 6.60 -21.82
N LYS B 242 -6.27 5.34 -21.67
CA LYS B 242 -7.42 4.95 -20.84
C LYS B 242 -7.03 4.54 -19.41
N THR B 243 -7.75 5.09 -18.44
CA THR B 243 -7.55 4.75 -17.04
C THR B 243 -8.79 4.00 -16.51
N ASN B 244 -8.70 3.36 -15.35
CA ASN B 244 -9.94 2.79 -14.82
C ASN B 244 -10.66 3.80 -13.90
N PHE B 245 -10.49 5.07 -14.24
CA PHE B 245 -11.02 6.19 -13.46
C PHE B 245 -11.91 7.00 -14.38
N ASP B 246 -13.19 6.66 -14.37
CA ASP B 246 -14.16 7.18 -15.35
C ASP B 246 -14.25 8.71 -15.44
N TYR B 247 -14.33 9.34 -14.29
CA TYR B 247 -14.55 10.77 -14.21
C TYR B 247 -13.46 11.57 -14.91
N LEU B 248 -12.28 10.96 -15.06
CA LEU B 248 -11.12 11.65 -15.65
C LEU B 248 -11.28 11.99 -17.11
N GLN B 249 -12.00 11.17 -17.87
CA GLN B 249 -12.28 11.54 -19.26
C GLN B 249 -13.03 12.89 -19.45
N GLU B 250 -13.67 13.39 -18.39
CA GLU B 250 -14.41 14.66 -18.44
C GLU B 250 -13.68 15.87 -17.80
N VAL B 251 -12.55 15.65 -17.13
CA VAL B 251 -11.93 16.77 -16.41
C VAL B 251 -11.32 17.73 -17.45
N PRO B 252 -11.61 19.05 -17.38
CA PRO B 252 -10.98 19.88 -18.41
C PRO B 252 -9.45 19.96 -18.24
N ILE B 253 -8.74 20.10 -19.35
CA ILE B 253 -7.30 20.26 -19.37
C ILE B 253 -6.88 21.55 -20.08
N LEU B 254 -6.08 22.37 -19.40
CA LEU B 254 -5.47 23.59 -19.97
C LEU B 254 -4.06 23.23 -20.35
N THR B 255 -3.74 23.33 -21.65
CA THR B 255 -2.37 23.02 -22.05
C THR B 255 -1.59 24.28 -22.23
N LEU B 256 -0.40 24.33 -21.62
CA LEU B 256 0.45 25.54 -21.70
C LEU B 256 1.82 25.15 -22.25
N ASP B 257 2.25 25.85 -23.29
CA ASP B 257 3.59 25.59 -23.86
C ASP B 257 4.58 26.34 -23.01
N VAL B 258 5.52 25.61 -22.43
CA VAL B 258 6.53 26.27 -21.59
C VAL B 258 7.95 26.05 -22.11
N ASN B 259 8.08 25.79 -23.41
CA ASN B 259 9.43 25.63 -23.96
C ASN B 259 10.27 26.88 -23.96
N GLU B 260 9.66 28.06 -23.94
CA GLU B 260 10.54 29.20 -23.96
C GLU B 260 11.08 29.51 -22.56
N ASP B 261 12.22 30.20 -22.56
CA ASP B 261 12.77 30.87 -21.40
C ASP B 261 11.68 31.74 -20.73
N PHE B 262 11.51 31.62 -19.41
CA PHE B 262 10.59 32.47 -18.70
C PHE B 262 11.14 33.87 -18.55
N TYR B 266 5.46 34.36 -19.68
CA TYR B 266 4.97 33.77 -18.43
C TYR B 266 3.81 34.52 -17.83
N GLU B 267 4.02 35.80 -17.52
CA GLU B 267 2.93 36.68 -17.17
C GLU B 267 1.65 36.17 -17.81
N SER B 268 1.66 36.07 -19.13
CA SER B 268 0.53 35.58 -19.91
C SER B 268 -0.02 34.21 -19.48
N LEU B 269 0.87 33.20 -19.40
CA LEU B 269 0.50 31.84 -19.01
C LEU B 269 -0.24 31.90 -17.66
N VAL B 270 0.29 32.69 -16.72
CA VAL B 270 -0.33 32.85 -15.39
C VAL B 270 -1.76 33.40 -15.50
N GLU B 271 -1.93 34.38 -16.37
CA GLU B 271 -3.22 34.99 -16.60
C GLU B 271 -4.22 33.97 -17.13
N LYS B 272 -3.77 33.17 -18.11
CA LYS B 272 -4.53 32.04 -18.70
C LYS B 272 -5.04 31.00 -17.68
N VAL B 273 -4.27 30.78 -16.62
CA VAL B 273 -4.70 29.95 -15.51
C VAL B 273 -5.78 30.63 -14.65
N LYS B 274 -5.48 31.85 -14.22
CA LYS B 274 -6.39 32.69 -13.43
C LYS B 274 -7.79 32.49 -13.97
N GLU B 275 -7.89 32.53 -15.31
CA GLU B 275 -9.16 32.50 -16.01
C GLU B 275 -9.77 31.10 -16.24
N PHE B 276 -8.94 30.13 -16.64
CA PHE B 276 -9.30 28.70 -16.62
C PHE B 276 -10.02 28.37 -15.32
N LEU B 277 -9.43 28.74 -14.20
CA LEU B 277 -10.04 28.47 -12.90
C LEU B 277 -11.46 29.03 -12.79
N SER B 278 -11.72 30.17 -13.42
CA SER B 278 -13.05 30.79 -13.30
C SER B 278 -14.14 29.99 -14.06
N THR B 279 -13.73 29.11 -14.97
CA THR B 279 -14.66 28.24 -15.67
C THR B 279 -14.96 26.94 -14.92
N LEU B 280 -14.28 26.71 -13.80
CA LEU B 280 -14.35 25.39 -13.13
C LEU B 280 -15.45 25.29 -12.07
PB ADP C . -2.80 -22.24 10.18
O1B ADP C . -1.70 -22.11 9.18
O2B ADP C . -4.16 -21.66 9.74
O3B ADP C . -2.35 -21.88 11.57
PA ADP C . -4.02 -24.83 9.58
O1A ADP C . -5.31 -24.51 10.32
O2A ADP C . -4.08 -24.74 8.08
O3A ADP C . -2.94 -23.85 10.26
O5' ADP C . -3.51 -26.27 10.09
C5' ADP C . -2.27 -26.72 9.54
C4' ADP C . -2.34 -28.23 9.31
O4' ADP C . -2.41 -28.80 10.61
C3' ADP C . -3.61 -28.65 8.60
O3' ADP C . -3.23 -29.71 7.72
C2' ADP C . -4.57 -29.16 9.67
O2' ADP C . -5.23 -30.35 9.28
C1' ADP C . -3.61 -29.61 10.71
N9 ADP C . -4.04 -29.38 12.08
C8 ADP C . -4.36 -28.18 12.64
N7 ADP C . -4.61 -28.38 13.97
C5 ADP C . -4.41 -29.67 14.24
C6 ADP C . -4.48 -30.50 15.46
N6 ADP C . -4.79 -29.97 16.58
N1 ADP C . -4.21 -31.82 15.35
C2 ADP C . -3.82 -32.47 14.09
N3 ADP C . -3.75 -31.58 12.94
C4 ADP C . -4.04 -30.25 13.06
O1 LDC D . 5.26 -14.56 5.60
C2 LDC D . 4.16 -14.22 6.05
N3 LDC D . 4.03 -12.82 6.26
C3 LDC D . 2.95 -12.29 6.70
N4 LDC D . 2.84 -10.96 6.86
C4 LDC D . 1.84 -13.24 6.98
C5 LDC D . 2.02 -14.59 6.79
N2 LDC D . 3.19 -15.05 6.31
C8 LDC D . 3.43 -16.47 6.04
C9 LDC D . 3.25 -16.82 4.53
C10 LDC D . 2.57 -18.23 4.56
O3 LDC D . 3.59 -19.19 4.40
C11 LDC D . 1.82 -18.29 5.92
O4 LDC D . 2.49 -17.30 6.73
C12 LDC D . 0.31 -18.02 5.76
O5 LDC D . -0.39 -17.96 7.03
PB ADP E . 9.65 20.47 -12.39
O1B ADP E . 10.53 19.26 -12.26
O2B ADP E . 8.98 20.95 -11.11
O3B ADP E . 8.68 20.34 -13.51
PA ADP E . 11.37 22.86 -11.98
O1A ADP E . 10.29 23.91 -11.75
O2A ADP E . 12.15 22.30 -10.82
O3A ADP E . 10.73 21.63 -12.81
O5' ADP E . 12.28 23.52 -13.11
C5' ADP E . 13.42 22.78 -13.62
C4' ADP E . 14.56 23.77 -13.91
O4' ADP E . 14.18 24.64 -14.97
C3' ADP E . 14.82 24.70 -12.73
O3' ADP E . 16.22 24.92 -12.57
C2' ADP E . 14.05 25.97 -13.03
O2' ADP E . 14.59 27.19 -12.51
C1' ADP E . 14.17 26.02 -14.52
N9 ADP E . 13.02 26.51 -15.27
C8 ADP E . 11.75 26.08 -15.11
N7 ADP E . 10.98 26.70 -16.06
C5 ADP E . 11.78 27.47 -16.81
C6 ADP E . 11.57 28.35 -17.99
N6 ADP E . 10.42 28.50 -18.48
N1 ADP E . 12.63 28.96 -18.50
C2 ADP E . 13.98 28.85 -18.00
N3 ADP E . 14.13 27.97 -16.84
C4 ADP E . 13.04 27.32 -16.32
O1 LDC F . 10.02 8.52 -11.39
C2 LDC F . 9.11 9.18 -10.95
N3 LDC F . 7.93 8.43 -10.55
C3 LDC F . 6.89 9.02 -10.05
N4 LDC F . 5.79 8.38 -9.67
C4 LDC F . 6.98 10.51 -9.98
C5 LDC F . 8.11 11.12 -10.37
N2 LDC F . 9.15 10.50 -10.88
C8 LDC F . 10.35 11.25 -11.30
C9 LDC F . 11.55 11.09 -10.26
C10 LDC F . 12.36 12.40 -10.27
O3 LDC F . 13.49 12.28 -11.20
C11 LDC F . 11.26 13.40 -10.80
O4 LDC F . 10.17 12.65 -11.40
C12 LDC F . 10.60 14.30 -9.73
O5 LDC F . 9.57 15.09 -10.40
#